data_6TEK
#
_entry.id   6TEK
#
_cell.length_a   52.070
_cell.length_b   111.700
_cell.length_c   52.200
_cell.angle_alpha   90.000
_cell.angle_beta   119.760
_cell.angle_gamma   90.000
#
_symmetry.space_group_name_H-M   'P 1 21 1'
#
loop_
_entity.id
_entity.type
_entity.pdbx_description
1 polymer 'Drug ABC transporter ATP-binding protein'
2 non-polymer 'FLAVIN-ADENINE DINUCLEOTIDE'
3 water water
#
_entity_poly.entity_id   1
_entity_poly.type   'polypeptide(L)'
_entity_poly.pdbx_seq_one_letter_code
;GPSLRGLGARDHQATVVDKEYIAPHFVRVRLVSPTLFDEVIVEPTSWLRFWFPDPDGSDTEFQRAYTITESDPETGRFAV
DMVLHEPAGPASTWARTVEPGATIAVMSMGSRGFSVPEDPEDRPVGYLLIGDSASTPAINGIIEVVPHDIPIELYLEQHH
DDDVLIPLAEHPRLRVHRVSRDDASSLAAALELRDWSNWYCWAGPEAGALKQVRTRLRDEFGFPKREVYAQAYWTEGRAM
GSSRGETSTA
;
_entity_poly.pdbx_strand_id   A,B
#
# COMPACT_ATOMS: atom_id res chain seq x y z
N ARG A 10 -22.30 14.39 -11.63
CA ARG A 10 -22.22 13.04 -12.19
C ARG A 10 -21.17 12.20 -11.47
N ASP A 11 -21.54 10.99 -11.09
CA ASP A 11 -20.60 10.11 -10.41
C ASP A 11 -19.93 9.17 -11.41
N HIS A 12 -18.86 8.53 -10.94
CA HIS A 12 -18.09 7.60 -11.76
C HIS A 12 -17.85 6.33 -10.95
N GLN A 13 -17.86 5.19 -11.62
CA GLN A 13 -17.53 3.94 -10.97
C GLN A 13 -16.02 3.81 -10.81
N ALA A 14 -15.57 3.50 -9.61
CA ALA A 14 -14.16 3.32 -9.31
C ALA A 14 -13.93 1.92 -8.80
N THR A 15 -12.82 1.30 -9.22
CA THR A 15 -12.45 -0.05 -8.80
C THR A 15 -11.24 0.04 -7.88
N VAL A 16 -11.29 -0.68 -6.75
CA VAL A 16 -10.17 -0.71 -5.83
C VAL A 16 -9.08 -1.61 -6.39
N VAL A 17 -7.85 -1.10 -6.43
CA VAL A 17 -6.74 -1.84 -6.99
C VAL A 17 -5.73 -2.27 -5.93
N ASP A 18 -5.63 -1.57 -4.80
CA ASP A 18 -4.60 -1.86 -3.81
C ASP A 18 -4.99 -1.20 -2.49
N LYS A 19 -4.46 -1.77 -1.40
CA LYS A 19 -4.67 -1.22 -0.07
C LYS A 19 -3.37 -1.31 0.70
N GLU A 20 -2.96 -0.21 1.33
CA GLU A 20 -1.70 -0.14 2.04
C GLU A 20 -1.92 0.46 3.42
N TYR A 21 -1.31 -0.15 4.44
CA TYR A 21 -1.41 0.33 5.82
C TYR A 21 -0.27 1.31 6.07
N ILE A 22 -0.56 2.60 5.88
CA ILE A 22 0.47 3.62 6.07
C ILE A 22 0.85 3.72 7.55
N ALA A 23 -0.13 3.66 8.43
CA ALA A 23 0.05 3.58 9.87
C ALA A 23 -0.93 2.53 10.40
N PRO A 24 -0.78 2.05 11.64
CA PRO A 24 -1.67 0.99 12.12
C PRO A 24 -3.16 1.32 12.05
N HIS A 25 -3.53 2.59 12.14
CA HIS A 25 -4.93 2.99 12.00
C HIS A 25 -5.11 3.96 10.83
N PHE A 26 -4.34 3.78 9.76
CA PHE A 26 -4.32 4.75 8.66
C PHE A 26 -4.10 3.98 7.36
N VAL A 27 -5.15 3.89 6.54
CA VAL A 27 -5.17 3.01 5.38
C VAL A 27 -5.23 3.85 4.11
N ARG A 28 -4.31 3.58 3.18
CA ARG A 28 -4.34 4.18 1.86
C ARG A 28 -4.98 3.18 0.89
N VAL A 29 -6.14 3.55 0.35
CA VAL A 29 -6.86 2.73 -0.61
C VAL A 29 -6.62 3.31 -2.00
N ARG A 30 -6.11 2.47 -2.91
CA ARG A 30 -5.80 2.89 -4.27
C ARG A 30 -6.90 2.40 -5.21
N LEU A 31 -7.38 3.29 -6.07
CA LEU A 31 -8.46 2.99 -6.99
C LEU A 31 -8.07 3.42 -8.40
N VAL A 32 -8.91 3.05 -9.36
CA VAL A 32 -8.77 3.48 -10.74
C VAL A 32 -10.14 3.90 -11.26
N SER A 33 -10.18 4.98 -12.01
CA SER A 33 -11.40 5.49 -12.61
C SER A 33 -11.04 6.42 -13.76
N PRO A 34 -10.93 5.89 -14.98
CA PRO A 34 -10.42 6.71 -16.10
C PRO A 34 -11.28 7.93 -16.41
N THR A 35 -12.59 7.86 -16.19
CA THR A 35 -13.45 8.98 -16.53
C THR A 35 -13.51 10.05 -15.45
N LEU A 36 -12.96 9.78 -14.26
CA LEU A 36 -13.05 10.75 -13.17
C LEU A 36 -12.28 12.03 -13.47
N PHE A 37 -11.07 11.90 -14.01
CA PHE A 37 -10.22 13.04 -14.29
C PHE A 37 -10.45 13.63 -15.68
N ASP A 38 -11.66 13.48 -16.23
CA ASP A 38 -12.01 14.17 -17.46
C ASP A 38 -12.31 15.65 -17.19
N GLU A 39 -12.96 15.94 -16.07
CA GLU A 39 -13.32 17.30 -15.70
C GLU A 39 -12.76 17.70 -14.33
N VAL A 40 -11.91 16.88 -13.74
CA VAL A 40 -11.39 17.10 -12.39
C VAL A 40 -9.90 17.37 -12.48
N ILE A 41 -9.47 18.52 -11.94
CA ILE A 41 -8.07 18.86 -11.81
C ILE A 41 -7.72 18.80 -10.32
N VAL A 42 -6.65 18.07 -9.99
CA VAL A 42 -6.28 17.83 -8.61
C VAL A 42 -5.47 19.01 -8.09
N GLU A 43 -5.92 19.58 -6.96
CA GLU A 43 -5.21 20.65 -6.26
C GLU A 43 -4.94 20.21 -4.83
N PRO A 44 -4.12 20.92 -4.07
CA PRO A 44 -4.03 20.64 -2.64
C PRO A 44 -5.41 20.74 -1.98
N THR A 45 -5.71 19.77 -1.12
CA THR A 45 -6.97 19.59 -0.38
C THR A 45 -8.14 19.16 -1.25
N SER A 46 -7.93 18.88 -2.54
CA SER A 46 -9.03 18.38 -3.36
C SER A 46 -9.57 17.08 -2.79
N TRP A 47 -10.90 16.93 -2.81
CA TRP A 47 -11.54 15.80 -2.19
C TRP A 47 -12.67 15.29 -3.08
N LEU A 48 -13.13 14.09 -2.75
CA LEU A 48 -14.16 13.40 -3.51
C LEU A 48 -15.25 12.88 -2.59
N ARG A 49 -16.44 12.70 -3.15
CA ARG A 49 -17.57 12.11 -2.44
C ARG A 49 -17.67 10.64 -2.83
N PHE A 50 -17.64 9.76 -1.82
CA PHE A 50 -17.80 8.33 -2.01
C PHE A 50 -19.13 7.87 -1.45
N TRP A 51 -19.74 6.88 -2.11
CA TRP A 51 -20.98 6.26 -1.65
C TRP A 51 -20.62 4.89 -1.08
N PHE A 52 -20.34 4.85 0.21
CA PHE A 52 -19.89 3.63 0.85
C PHE A 52 -21.06 2.68 1.12
N PRO A 53 -20.82 1.38 1.06
CA PRO A 53 -21.90 0.41 1.28
C PRO A 53 -22.21 0.23 2.75
N ASP A 54 -23.40 -0.27 3.02
CA ASP A 54 -23.81 -0.59 4.38
C ASP A 54 -23.01 -1.81 4.85
N PRO A 55 -22.23 -1.70 5.93
CA PRO A 55 -21.52 -2.89 6.42
C PRO A 55 -22.45 -4.00 6.85
N ASP A 56 -23.68 -3.67 7.24
CA ASP A 56 -24.66 -4.66 7.65
C ASP A 56 -25.36 -5.34 6.46
N GLY A 57 -25.05 -4.94 5.23
CA GLY A 57 -25.46 -5.68 4.06
C GLY A 57 -26.70 -5.22 3.34
N SER A 58 -27.23 -4.04 3.66
CA SER A 58 -28.41 -3.53 2.98
C SER A 58 -28.02 -2.74 1.75
N ASP A 59 -29.03 -2.25 1.02
CA ASP A 59 -28.82 -1.43 -0.16
C ASP A 59 -28.60 0.04 0.16
N THR A 60 -28.77 0.45 1.41
CA THR A 60 -28.51 1.83 1.79
C THR A 60 -27.04 2.16 1.64
N GLU A 61 -26.76 3.34 1.09
CA GLU A 61 -25.39 3.81 0.91
C GLU A 61 -25.19 5.09 1.73
N PHE A 62 -23.93 5.35 2.07
CA PHE A 62 -23.56 6.43 2.98
C PHE A 62 -22.49 7.29 2.34
N GLN A 63 -22.81 8.54 2.05
CA GLN A 63 -21.88 9.44 1.38
C GLN A 63 -20.91 10.06 2.39
N ARG A 64 -19.62 9.94 2.11
CA ARG A 64 -18.56 10.51 2.93
C ARG A 64 -17.51 11.14 2.05
N ALA A 65 -16.79 12.13 2.59
CA ALA A 65 -15.78 12.86 1.85
C ALA A 65 -14.38 12.39 2.24
N TYR A 66 -13.50 12.26 1.24
CA TYR A 66 -12.12 11.86 1.48
C TYR A 66 -11.19 12.60 0.52
N THR A 67 -10.01 12.94 1.01
CA THR A 67 -9.05 13.75 0.27
C THR A 67 -8.26 12.90 -0.70
N ILE A 68 -7.99 13.45 -1.89
CA ILE A 68 -7.13 12.78 -2.87
C ILE A 68 -5.69 12.88 -2.41
N THR A 69 -5.04 11.74 -2.21
CA THR A 69 -3.62 11.70 -1.84
C THR A 69 -2.71 11.32 -2.98
N GLU A 70 -3.18 10.49 -3.91
CA GLU A 70 -2.45 10.17 -5.13
C GLU A 70 -3.39 10.38 -6.30
N SER A 71 -2.82 10.74 -7.46
CA SER A 71 -3.63 10.91 -8.65
C SER A 71 -2.73 10.81 -9.88
N ASP A 72 -3.24 10.12 -10.91
CA ASP A 72 -2.59 10.06 -12.20
C ASP A 72 -3.68 10.24 -13.24
N PRO A 73 -3.84 11.46 -13.78
CA PRO A 73 -4.93 11.69 -14.74
C PRO A 73 -4.77 10.90 -16.03
N GLU A 74 -3.54 10.55 -16.42
CA GLU A 74 -3.34 9.80 -17.65
C GLU A 74 -3.92 8.39 -17.54
N THR A 75 -3.86 7.78 -16.36
CA THR A 75 -4.36 6.43 -16.15
C THR A 75 -5.65 6.37 -15.35
N GLY A 76 -6.03 7.46 -14.66
CA GLY A 76 -7.20 7.45 -13.82
C GLY A 76 -6.98 6.84 -12.45
N ARG A 77 -5.76 6.44 -12.12
CA ARG A 77 -5.47 5.88 -10.80
C ARG A 77 -5.38 6.98 -9.76
N PHE A 78 -5.91 6.70 -8.58
CA PHE A 78 -5.88 7.67 -7.48
C PHE A 78 -5.98 6.92 -6.16
N ALA A 79 -5.70 7.64 -5.08
CA ALA A 79 -5.71 7.06 -3.75
C ALA A 79 -6.30 8.05 -2.75
N VAL A 80 -6.89 7.51 -1.68
CA VAL A 80 -7.34 8.27 -0.52
C VAL A 80 -6.76 7.60 0.72
N ASP A 81 -6.53 8.40 1.76
CA ASP A 81 -6.05 7.91 3.05
C ASP A 81 -7.18 8.02 4.06
N MET A 82 -7.46 6.92 4.76
CA MET A 82 -8.65 6.81 5.58
C MET A 82 -8.28 6.45 7.01
N VAL A 83 -8.86 7.18 7.97
CA VAL A 83 -8.60 6.95 9.38
C VAL A 83 -9.51 5.84 9.87
N LEU A 84 -8.92 4.83 10.51
CA LEU A 84 -9.69 3.80 11.22
C LEU A 84 -10.00 4.33 12.60
N HIS A 85 -11.12 5.04 12.72
CA HIS A 85 -11.47 5.72 13.96
C HIS A 85 -12.36 4.86 14.83
N GLU A 86 -12.54 5.31 16.08
CA GLU A 86 -13.32 4.59 17.08
C GLU A 86 -14.27 5.58 17.74
N PRO A 87 -15.60 5.36 17.69
CA PRO A 87 -16.28 4.24 17.04
C PRO A 87 -16.15 4.27 15.52
N ALA A 88 -16.44 3.15 14.87
CA ALA A 88 -16.30 3.07 13.43
C ALA A 88 -17.56 3.57 12.73
N GLY A 89 -17.43 3.80 11.43
CA GLY A 89 -18.55 4.19 10.59
C GLY A 89 -18.52 3.37 9.32
N PRO A 90 -19.51 3.58 8.43
CA PRO A 90 -19.50 2.84 7.15
C PRO A 90 -18.22 2.99 6.36
N ALA A 91 -17.63 4.19 6.36
CA ALA A 91 -16.45 4.43 5.53
C ALA A 91 -15.21 3.77 6.12
N SER A 92 -14.99 3.94 7.43
CA SER A 92 -13.82 3.33 8.05
C SER A 92 -13.94 1.82 8.11
N THR A 93 -15.15 1.29 8.28
CA THR A 93 -15.36 -0.15 8.15
C THR A 93 -14.98 -0.62 6.75
N TRP A 94 -15.39 0.15 5.73
CA TRP A 94 -15.00 -0.15 4.35
C TRP A 94 -13.49 -0.18 4.21
N ALA A 95 -12.80 0.85 4.72
CA ALA A 95 -11.34 0.88 4.69
C ALA A 95 -10.76 -0.38 5.33
N ARG A 96 -11.35 -0.84 6.43
CA ARG A 96 -10.82 -2.02 7.11
C ARG A 96 -11.05 -3.29 6.31
N THR A 97 -12.21 -3.39 5.64
CA THR A 97 -12.65 -4.66 5.08
C THR A 97 -12.59 -4.74 3.56
N VAL A 98 -12.40 -3.63 2.84
CA VAL A 98 -12.48 -3.68 1.39
C VAL A 98 -11.29 -4.46 0.82
N GLU A 99 -11.53 -5.19 -0.25
CA GLU A 99 -10.51 -5.92 -0.96
C GLU A 99 -10.38 -5.37 -2.38
N PRO A 100 -9.21 -5.50 -2.99
CA PRO A 100 -9.08 -5.13 -4.41
C PRO A 100 -10.11 -5.86 -5.25
N GLY A 101 -10.64 -5.16 -6.25
CA GLY A 101 -11.73 -5.66 -7.06
C GLY A 101 -13.09 -5.11 -6.68
N ALA A 102 -13.24 -4.58 -5.47
CA ALA A 102 -14.49 -3.95 -5.10
C ALA A 102 -14.69 -2.65 -5.88
N THR A 103 -15.95 -2.26 -6.06
CA THR A 103 -16.28 -1.05 -6.80
C THR A 103 -17.05 -0.10 -5.91
N ILE A 104 -17.02 1.19 -6.27
CA ILE A 104 -17.67 2.23 -5.48
C ILE A 104 -17.85 3.44 -6.37
N ALA A 105 -18.97 4.14 -6.18
CA ALA A 105 -19.27 5.34 -6.94
C ALA A 105 -18.63 6.56 -6.27
N VAL A 106 -18.01 7.41 -7.09
CA VAL A 106 -17.28 8.57 -6.60
C VAL A 106 -17.69 9.80 -7.41
N MET A 107 -17.69 10.96 -6.75
CA MET A 107 -18.08 12.20 -7.39
C MET A 107 -17.21 13.34 -6.88
N SER A 108 -16.86 14.27 -7.77
CA SER A 108 -16.21 15.51 -7.41
C SER A 108 -17.25 16.63 -7.47
N MET A 109 -17.59 17.19 -6.32
CA MET A 109 -18.56 18.27 -6.26
C MET A 109 -18.36 19.06 -4.97
N GLY A 110 -18.19 20.38 -5.11
CA GLY A 110 -17.99 21.25 -3.97
C GLY A 110 -16.57 21.40 -3.51
N SER A 111 -15.61 20.78 -4.18
CA SER A 111 -14.21 20.80 -3.76
C SER A 111 -13.53 22.04 -4.34
N ARG A 112 -13.12 22.94 -3.45
CA ARG A 112 -12.27 24.07 -3.83
C ARG A 112 -10.85 23.81 -3.36
N GLY A 113 -9.88 24.20 -4.20
CA GLY A 113 -8.50 23.90 -3.92
C GLY A 113 -7.80 24.95 -3.07
N PHE A 114 -6.56 24.63 -2.71
CA PHE A 114 -5.68 25.55 -2.00
C PHE A 114 -4.58 25.99 -2.95
N SER A 115 -4.19 27.26 -2.85
CA SER A 115 -3.11 27.77 -3.69
C SER A 115 -2.38 28.88 -2.95
N VAL A 116 -1.11 29.06 -3.32
CA VAL A 116 -0.27 30.13 -2.79
C VAL A 116 -0.27 31.26 -3.81
N PRO A 117 -0.42 32.52 -3.38
CA PRO A 117 -0.37 33.63 -4.35
C PRO A 117 0.92 33.62 -5.15
N GLU A 118 0.79 33.92 -6.44
CA GLU A 118 1.96 33.91 -7.32
C GLU A 118 2.94 35.01 -6.94
N ASP A 119 2.45 36.21 -6.65
CA ASP A 119 3.31 37.32 -6.26
C ASP A 119 3.81 37.09 -4.85
N PRO A 120 5.13 37.04 -4.62
CA PRO A 120 5.63 36.82 -3.25
C PRO A 120 5.17 37.87 -2.26
N GLU A 121 4.97 39.12 -2.70
CA GLU A 121 4.49 40.16 -1.80
C GLU A 121 3.00 40.05 -1.50
N ASP A 122 2.28 39.18 -2.20
CA ASP A 122 0.89 38.90 -1.88
C ASP A 122 0.73 37.65 -1.02
N ARG A 123 1.82 36.94 -0.74
CA ARG A 123 1.78 35.70 0.00
C ARG A 123 1.71 35.94 1.51
N PRO A 124 1.09 35.04 2.25
CA PRO A 124 1.07 35.17 3.71
C PRO A 124 2.48 35.05 4.29
N VAL A 125 2.71 35.78 5.38
CA VAL A 125 3.98 35.70 6.10
C VAL A 125 4.13 34.38 6.84
N GLY A 126 3.04 33.64 7.01
CA GLY A 126 3.10 32.32 7.58
C GLY A 126 1.77 31.63 7.41
N TYR A 127 1.79 30.31 7.59
CA TYR A 127 0.57 29.50 7.50
C TYR A 127 0.30 28.83 8.84
N LEU A 128 -0.91 29.01 9.35
CA LEU A 128 -1.36 28.35 10.57
C LEU A 128 -2.30 27.22 10.16
N LEU A 129 -1.84 25.99 10.30
CA LEU A 129 -2.59 24.82 9.88
C LEU A 129 -3.12 24.09 11.12
N ILE A 130 -4.42 23.84 11.13
CA ILE A 130 -5.09 23.23 12.28
C ILE A 130 -5.94 22.07 11.78
N GLY A 131 -5.82 20.92 12.44
CA GLY A 131 -6.64 19.78 12.10
C GLY A 131 -6.35 18.58 12.97
N ASP A 132 -6.52 17.38 12.41
CA ASP A 132 -6.19 16.15 13.12
C ASP A 132 -5.90 15.09 12.05
N SER A 133 -6.03 13.82 12.42
CA SER A 133 -5.70 12.75 11.49
C SER A 133 -6.61 12.77 10.26
N ALA A 134 -7.88 13.18 10.43
CA ALA A 134 -8.79 13.18 9.30
C ALA A 134 -8.40 14.21 8.24
N SER A 135 -7.88 15.35 8.66
CA SER A 135 -7.45 16.40 7.75
C SER A 135 -5.96 16.39 7.48
N THR A 136 -5.26 15.35 7.90
CA THR A 136 -3.82 15.27 7.65
C THR A 136 -3.52 15.09 6.16
N PRO A 137 -4.28 14.28 5.40
CA PRO A 137 -4.04 14.25 3.95
C PRO A 137 -4.17 15.61 3.30
N ALA A 138 -5.18 16.40 3.68
CA ALA A 138 -5.33 17.74 3.13
C ALA A 138 -4.18 18.64 3.56
N ILE A 139 -3.81 18.59 4.84
CA ILE A 139 -2.75 19.45 5.36
C ILE A 139 -1.42 19.09 4.73
N ASN A 140 -1.16 17.79 4.51
CA ASN A 140 0.07 17.38 3.85
C ASN A 140 0.18 17.98 2.46
N GLY A 141 -0.91 17.93 1.69
CA GLY A 141 -0.91 18.55 0.37
C GLY A 141 -0.58 20.04 0.42
N ILE A 142 -1.05 20.73 1.47
CA ILE A 142 -0.74 22.14 1.63
C ILE A 142 0.75 22.33 1.90
N ILE A 143 1.29 21.57 2.85
CA ILE A 143 2.70 21.70 3.22
C ILE A 143 3.60 21.53 2.00
N GLU A 144 3.26 20.58 1.13
CA GLU A 144 4.09 20.27 -0.03
C GLU A 144 4.21 21.43 -1.00
N VAL A 145 3.27 22.39 -1.01
CA VAL A 145 3.30 23.51 -1.93
C VAL A 145 3.65 24.84 -1.27
N VAL A 146 3.75 24.88 0.05
CA VAL A 146 4.12 26.14 0.71
C VAL A 146 5.60 26.42 0.46
N PRO A 147 5.95 27.61 -0.04
CA PRO A 147 7.37 27.91 -0.32
C PRO A 147 8.25 27.74 0.90
N HIS A 148 9.51 27.40 0.65
CA HIS A 148 10.44 27.02 1.71
C HIS A 148 10.78 28.18 2.65
N ASP A 149 10.55 29.41 2.23
CA ASP A 149 10.87 30.57 3.06
C ASP A 149 9.67 31.07 3.86
N ILE A 150 8.57 30.33 3.88
CA ILE A 150 7.38 30.71 4.63
C ILE A 150 7.21 29.73 5.78
N PRO A 151 7.22 30.19 7.04
CA PRO A 151 7.07 29.27 8.16
C PRO A 151 5.66 28.69 8.24
N ILE A 152 5.56 27.51 8.82
CA ILE A 152 4.30 26.81 8.97
C ILE A 152 4.13 26.39 10.42
N GLU A 153 3.01 26.78 11.03
CA GLU A 153 2.66 26.41 12.40
C GLU A 153 1.51 25.41 12.35
N LEU A 154 1.79 24.15 12.66
CA LEU A 154 0.84 23.06 12.52
C LEU A 154 0.37 22.59 13.89
N TYR A 155 -0.95 22.58 14.09
CA TYR A 155 -1.56 22.05 15.30
C TYR A 155 -2.44 20.85 14.94
N LEU A 156 -2.15 19.70 15.53
CA LEU A 156 -2.89 18.47 15.26
C LEU A 156 -3.50 17.97 16.57
N GLU A 157 -4.82 18.01 16.67
CA GLU A 157 -5.50 17.43 17.82
C GLU A 157 -5.34 15.92 17.80
N GLN A 158 -4.80 15.37 18.89
CA GLN A 158 -4.47 13.96 18.94
C GLN A 158 -5.60 13.16 19.58
N HIS A 159 -5.91 12.01 18.98
CA HIS A 159 -6.93 11.12 19.49
C HIS A 159 -6.39 9.76 19.93
N HIS A 160 -5.23 9.35 19.44
CA HIS A 160 -4.62 8.08 19.82
C HIS A 160 -3.11 8.23 19.77
N ASP A 161 -2.42 7.35 20.50
CA ASP A 161 -0.96 7.38 20.49
C ASP A 161 -0.41 7.11 19.10
N ASP A 162 -1.06 6.25 18.33
CA ASP A 162 -0.62 5.93 16.98
C ASP A 162 -0.70 7.12 16.02
N ASP A 163 -1.36 8.22 16.43
CA ASP A 163 -1.46 9.38 15.54
C ASP A 163 -0.10 9.94 15.18
N VAL A 164 0.90 9.77 16.05
CA VAL A 164 2.23 10.27 15.73
C VAL A 164 2.93 9.41 14.68
N LEU A 165 2.35 8.27 14.33
CA LEU A 165 2.89 7.42 13.27
C LEU A 165 2.35 7.76 11.89
N ILE A 166 1.35 8.64 11.81
CA ILE A 166 0.82 9.09 10.53
C ILE A 166 1.84 10.05 9.91
N PRO A 167 2.37 9.73 8.73
CA PRO A 167 3.43 10.58 8.16
C PRO A 167 2.93 11.97 7.81
N LEU A 168 3.73 12.97 8.17
CA LEU A 168 3.52 14.35 7.78
C LEU A 168 4.47 14.72 6.64
N ALA A 169 4.02 15.65 5.80
CA ALA A 169 4.87 16.15 4.74
C ALA A 169 6.02 16.96 5.33
N GLU A 170 7.18 16.86 4.68
CA GLU A 170 8.38 17.54 5.14
C GLU A 170 8.42 18.98 4.63
N HIS A 171 9.00 19.86 5.45
CA HIS A 171 9.13 21.27 5.13
C HIS A 171 10.19 21.88 6.03
N PRO A 172 11.10 22.70 5.50
CA PRO A 172 12.20 23.23 6.31
C PRO A 172 11.75 24.12 7.44
N ARG A 173 10.59 24.77 7.33
CA ARG A 173 10.12 25.72 8.33
C ARG A 173 8.81 25.26 8.97
N LEU A 174 8.61 23.95 9.03
CA LEU A 174 7.42 23.38 9.66
C LEU A 174 7.68 23.15 11.14
N ARG A 175 6.77 23.64 11.98
CA ARG A 175 6.80 23.38 13.41
C ARG A 175 5.49 22.74 13.81
N VAL A 176 5.57 21.50 14.33
CA VAL A 176 4.39 20.69 14.63
C VAL A 176 4.07 20.79 16.11
N HIS A 177 2.78 20.83 16.43
CA HIS A 177 2.30 20.87 17.80
C HIS A 177 1.14 19.89 17.92
N ARG A 178 1.21 18.99 18.89
CA ARG A 178 0.16 18.00 19.11
C ARG A 178 -0.65 18.36 20.34
N VAL A 179 -1.96 18.19 20.26
CA VAL A 179 -2.89 18.66 21.28
C VAL A 179 -3.73 17.49 21.76
N SER A 180 -3.63 17.19 23.05
CA SER A 180 -4.55 16.23 23.66
C SER A 180 -5.93 16.85 23.83
N ARG A 181 -6.96 16.09 23.48
CA ARG A 181 -8.34 16.58 23.52
C ARG A 181 -8.98 16.17 24.84
N ASP A 182 -9.28 17.16 25.69
CA ASP A 182 -10.14 16.93 26.85
C ASP A 182 -11.60 17.24 26.54
N ASP A 183 -11.84 18.24 25.71
CA ASP A 183 -13.19 18.63 25.30
C ASP A 183 -13.05 19.47 24.03
N ALA A 184 -14.15 20.10 23.63
CA ALA A 184 -14.15 20.91 22.41
C ALA A 184 -13.34 22.20 22.54
N SER A 185 -12.86 22.54 23.74
CA SER A 185 -12.10 23.77 23.95
C SER A 185 -10.60 23.55 23.91
N SER A 186 -10.13 22.30 23.89
CA SER A 186 -8.71 22.01 24.02
C SER A 186 -7.92 22.56 22.84
N LEU A 187 -8.42 22.36 21.61
CA LEU A 187 -7.65 22.74 20.43
C LEU A 187 -7.45 24.25 20.36
N ALA A 188 -8.51 25.02 20.60
CA ALA A 188 -8.39 26.47 20.55
C ALA A 188 -7.45 26.99 21.64
N ALA A 189 -7.55 26.45 22.85
CA ALA A 189 -6.70 26.91 23.94
C ALA A 189 -5.24 26.58 23.68
N ALA A 190 -4.97 25.50 22.93
CA ALA A 190 -3.58 25.11 22.66
C ALA A 190 -2.87 26.07 21.72
N LEU A 191 -3.61 26.80 20.89
CA LEU A 191 -2.97 27.72 19.93
C LEU A 191 -2.14 28.76 20.66
N GLU A 192 -0.93 28.98 20.16
CA GLU A 192 -0.01 29.93 20.78
C GLU A 192 -0.52 31.35 20.62
N LEU A 193 -0.53 32.11 21.72
CA LEU A 193 -0.87 33.52 21.67
C LEU A 193 0.38 34.29 21.26
N ARG A 194 0.39 34.74 20.01
CA ARG A 194 1.50 35.50 19.45
C ARG A 194 0.91 36.51 18.46
N ASP A 195 1.79 37.20 17.76
CA ASP A 195 1.36 38.09 16.68
C ASP A 195 1.11 37.26 15.43
N TRP A 196 -0.15 37.19 15.00
CA TRP A 196 -0.53 36.46 13.79
C TRP A 196 -0.81 37.40 12.62
N SER A 197 -0.30 38.63 12.66
CA SER A 197 -0.58 39.60 11.61
C SER A 197 -0.10 39.08 10.26
N ASN A 198 -1.00 39.16 9.27
CA ASN A 198 -0.75 38.76 7.89
C ASN A 198 -0.49 37.27 7.73
N TRP A 199 -0.76 36.46 8.77
CA TRP A 199 -0.77 35.02 8.61
C TRP A 199 -2.05 34.57 7.93
N TYR A 200 -2.03 33.35 7.41
CA TYR A 200 -3.21 32.71 6.83
C TYR A 200 -3.47 31.41 7.57
N CYS A 201 -4.74 31.13 7.83
CA CYS A 201 -5.13 29.94 8.60
C CYS A 201 -5.98 29.02 7.75
N TRP A 202 -5.62 27.74 7.73
CA TRP A 202 -6.42 26.67 7.15
C TRP A 202 -6.73 25.69 8.26
N ALA A 203 -8.02 25.41 8.49
CA ALA A 203 -8.45 24.61 9.63
C ALA A 203 -9.50 23.60 9.18
N GLY A 204 -9.21 22.32 9.40
CA GLY A 204 -10.17 21.27 9.15
C GLY A 204 -10.28 20.28 10.31
N PRO A 205 -10.70 20.75 11.50
CA PRO A 205 -10.78 19.86 12.65
C PRO A 205 -12.19 19.34 12.92
N GLU A 206 -12.38 18.71 14.07
CA GLU A 206 -13.70 18.29 14.49
C GLU A 206 -14.61 19.52 14.64
N ALA A 207 -15.91 19.30 14.43
CA ALA A 207 -16.85 20.40 14.32
C ALA A 207 -16.91 21.24 15.61
N GLY A 208 -17.04 20.57 16.75
CA GLY A 208 -17.12 21.31 18.01
C GLY A 208 -15.85 22.08 18.32
N ALA A 209 -14.69 21.48 18.03
CA ALA A 209 -13.43 22.17 18.24
C ALA A 209 -13.29 23.34 17.28
N LEU A 210 -13.77 23.20 16.04
CA LEU A 210 -13.65 24.27 15.06
C LEU A 210 -14.42 25.50 15.47
N LYS A 211 -15.58 25.32 16.11
CA LYS A 211 -16.39 26.46 16.54
C LYS A 211 -15.58 27.40 17.43
N GLN A 212 -14.87 26.85 18.42
CA GLN A 212 -14.08 27.66 19.34
C GLN A 212 -12.75 28.10 18.73
N VAL A 213 -12.25 27.37 17.74
CA VAL A 213 -11.06 27.83 17.02
C VAL A 213 -11.39 29.08 16.20
N ARG A 214 -12.49 29.03 15.44
CA ARG A 214 -12.90 30.20 14.66
C ARG A 214 -13.08 31.42 15.54
N THR A 215 -13.71 31.26 16.70
CA THR A 215 -13.95 32.39 17.58
C THR A 215 -12.64 33.00 18.05
N ARG A 216 -11.65 32.16 18.38
CA ARG A 216 -10.36 32.69 18.82
C ARG A 216 -9.60 33.34 17.68
N LEU A 217 -9.73 32.81 16.45
CA LEU A 217 -9.04 33.43 15.32
C LEU A 217 -9.57 34.83 15.06
N ARG A 218 -10.88 35.03 15.19
CA ARG A 218 -11.47 36.32 14.88
C ARG A 218 -11.39 37.28 16.07
N ASP A 219 -11.71 36.79 17.27
CA ASP A 219 -11.87 37.68 18.42
C ASP A 219 -10.55 37.99 19.12
N GLU A 220 -9.58 37.08 19.06
CA GLU A 220 -8.35 37.23 19.82
C GLU A 220 -7.10 37.34 18.96
N PHE A 221 -7.04 36.62 17.85
CA PHE A 221 -5.87 36.63 16.99
C PHE A 221 -5.98 37.65 15.86
N GLY A 222 -7.14 38.28 15.68
CA GLY A 222 -7.27 39.31 14.67
C GLY A 222 -7.22 38.82 13.24
N PHE A 223 -7.62 37.58 12.98
CA PHE A 223 -7.64 37.07 11.61
C PHE A 223 -8.82 37.66 10.85
N PRO A 224 -8.60 38.27 9.68
CA PRO A 224 -9.73 38.63 8.82
C PRO A 224 -10.39 37.37 8.27
N LYS A 225 -11.67 37.50 7.95
CA LYS A 225 -12.43 36.34 7.48
C LYS A 225 -11.82 35.76 6.20
N ARG A 226 -11.34 36.63 5.30
CA ARG A 226 -10.79 36.14 4.04
C ARG A 226 -9.41 35.52 4.21
N GLU A 227 -8.76 35.70 5.36
CA GLU A 227 -7.50 35.02 5.65
C GLU A 227 -7.70 33.71 6.41
N VAL A 228 -8.93 33.19 6.45
CA VAL A 228 -9.24 31.96 7.16
C VAL A 228 -10.08 31.07 6.25
N TYR A 229 -9.68 29.80 6.13
CA TYR A 229 -10.54 28.75 5.60
C TYR A 229 -10.81 27.75 6.71
N ALA A 230 -12.06 27.60 7.07
CA ALA A 230 -12.47 26.70 8.15
C ALA A 230 -13.58 25.79 7.66
N GLN A 231 -13.36 24.48 7.78
CA GLN A 231 -14.34 23.49 7.37
C GLN A 231 -14.27 22.32 8.33
N ALA A 232 -15.40 21.98 8.94
CA ALA A 232 -15.43 20.83 9.84
C ALA A 232 -15.36 19.54 9.02
N TYR A 233 -14.41 18.67 9.38
CA TYR A 233 -14.24 17.41 8.66
C TYR A 233 -15.04 16.27 9.27
N TRP A 234 -15.36 16.35 10.56
CA TRP A 234 -16.23 15.35 11.19
C TRP A 234 -16.83 15.97 12.44
N THR A 235 -17.76 15.22 13.05
CA THR A 235 -18.46 15.67 14.24
C THR A 235 -18.45 14.55 15.27
N GLU A 236 -18.12 14.89 16.51
CA GLU A 236 -18.03 13.90 17.56
C GLU A 236 -19.42 13.34 17.89
N GLY A 237 -19.51 12.01 17.95
CA GLY A 237 -20.77 11.37 18.29
C GLY A 237 -21.87 11.52 17.27
N ARG A 238 -21.53 11.95 16.05
CA ARG A 238 -22.52 12.11 14.98
C ARG A 238 -21.92 11.62 13.67
N ALA A 239 -22.72 10.93 12.88
CA ALA A 239 -22.26 10.44 11.58
C ALA A 239 -22.01 11.60 10.64
N ARG B 10 15.39 -35.93 -11.51
CA ARG B 10 14.79 -36.44 -12.73
C ARG B 10 13.84 -35.41 -13.34
N ASP B 11 14.11 -35.03 -14.58
CA ASP B 11 13.27 -34.04 -15.24
C ASP B 11 12.12 -34.71 -15.99
N HIS B 12 11.13 -33.90 -16.35
CA HIS B 12 9.97 -34.36 -17.10
C HIS B 12 9.68 -33.36 -18.20
N GLN B 13 9.19 -33.86 -19.34
CA GLN B 13 8.73 -32.99 -20.40
C GLN B 13 7.33 -32.49 -20.09
N ALA B 14 7.11 -31.21 -20.33
CA ALA B 14 5.83 -30.55 -20.10
C ALA B 14 5.44 -29.77 -21.33
N THR B 15 4.15 -29.78 -21.67
CA THR B 15 3.64 -29.08 -22.84
C THR B 15 2.76 -27.93 -22.39
N VAL B 16 3.00 -26.74 -22.96
CA VAL B 16 2.17 -25.58 -22.66
C VAL B 16 0.79 -25.78 -23.25
N VAL B 17 -0.23 -25.50 -22.46
CA VAL B 17 -1.61 -25.64 -22.92
C VAL B 17 -2.38 -24.34 -22.94
N ASP B 18 -1.95 -23.31 -22.20
CA ASP B 18 -2.69 -22.06 -22.11
C ASP B 18 -1.76 -20.98 -21.58
N LYS B 19 -2.15 -19.73 -21.82
CA LYS B 19 -1.39 -18.58 -21.34
C LYS B 19 -2.36 -17.44 -21.09
N GLU B 20 -2.33 -16.90 -19.87
CA GLU B 20 -3.26 -15.86 -19.46
C GLU B 20 -2.50 -14.69 -18.86
N TYR B 21 -2.91 -13.48 -19.21
CA TYR B 21 -2.29 -12.27 -18.69
C TYR B 21 -3.00 -11.85 -17.40
N ILE B 22 -2.41 -12.21 -16.27
CA ILE B 22 -2.99 -11.86 -14.98
C ILE B 22 -2.91 -10.35 -14.75
N ALA B 23 -1.79 -9.75 -15.10
CA ALA B 23 -1.56 -8.32 -15.04
C ALA B 23 -0.78 -7.95 -16.29
N PRO B 24 -0.72 -6.65 -16.64
CA PRO B 24 -0.05 -6.25 -17.90
C PRO B 24 1.34 -6.82 -18.09
N HIS B 25 2.12 -7.00 -17.02
CA HIS B 25 3.46 -7.55 -17.09
C HIS B 25 3.58 -8.80 -16.22
N PHE B 26 2.52 -9.59 -16.14
CA PHE B 26 2.47 -10.73 -15.24
C PHE B 26 1.66 -11.84 -15.92
N VAL B 27 2.34 -12.89 -16.35
CA VAL B 27 1.80 -13.89 -17.27
C VAL B 27 1.71 -15.23 -16.56
N ARG B 28 0.52 -15.83 -16.58
CA ARG B 28 0.33 -17.19 -16.07
C ARG B 28 0.40 -18.16 -17.24
N VAL B 29 1.36 -19.08 -17.18
CA VAL B 29 1.56 -20.09 -18.22
C VAL B 29 1.07 -21.43 -17.66
N ARG B 30 0.14 -22.06 -18.38
CA ARG B 30 -0.41 -23.34 -17.97
C ARG B 30 0.24 -24.46 -18.78
N LEU B 31 0.64 -25.53 -18.09
CA LEU B 31 1.30 -26.66 -18.72
C LEU B 31 0.68 -27.96 -18.23
N VAL B 32 1.10 -29.06 -18.84
CA VAL B 32 0.69 -30.40 -18.43
C VAL B 32 1.92 -31.31 -18.43
N SER B 33 2.08 -32.08 -17.36
CA SER B 33 3.16 -33.06 -17.25
C SER B 33 2.64 -34.19 -16.39
N PRO B 34 2.14 -35.28 -17.00
CA PRO B 34 1.40 -36.28 -16.23
C PRO B 34 2.19 -36.96 -15.13
N THR B 35 3.50 -37.14 -15.30
CA THR B 35 4.31 -37.84 -14.30
C THR B 35 4.98 -36.90 -13.30
N LEU B 36 4.74 -35.59 -13.40
CA LEU B 36 5.48 -34.64 -12.58
C LEU B 36 5.15 -34.77 -11.10
N PHE B 37 3.86 -34.83 -10.77
CA PHE B 37 3.44 -34.81 -9.37
C PHE B 37 3.40 -36.19 -8.73
N ASP B 38 3.93 -37.21 -9.39
CA ASP B 38 4.07 -38.52 -8.77
C ASP B 38 5.01 -38.41 -7.58
N GLU B 39 4.48 -38.70 -6.39
CA GLU B 39 5.19 -38.63 -5.12
C GLU B 39 5.73 -37.23 -4.80
N VAL B 40 5.28 -36.21 -5.53
CA VAL B 40 5.71 -34.83 -5.31
C VAL B 40 4.47 -34.04 -4.91
N ILE B 41 4.40 -33.66 -3.63
CA ILE B 41 3.25 -32.95 -3.09
C ILE B 41 3.53 -31.45 -3.16
N VAL B 42 2.54 -30.69 -3.62
CA VAL B 42 2.68 -29.24 -3.73
C VAL B 42 2.39 -28.61 -2.38
N GLU B 43 3.26 -27.71 -1.96
CA GLU B 43 3.10 -26.96 -0.72
C GLU B 43 3.18 -25.47 -1.04
N PRO B 44 2.86 -24.60 -0.09
CA PRO B 44 3.17 -23.18 -0.29
C PRO B 44 4.65 -23.00 -0.60
N THR B 45 4.92 -22.23 -1.65
CA THR B 45 6.23 -21.84 -2.18
C THR B 45 6.93 -22.96 -2.96
N SER B 46 6.30 -24.12 -3.14
CA SER B 46 6.88 -25.15 -3.99
C SER B 46 7.17 -24.58 -5.38
N TRP B 47 8.35 -24.91 -5.90
CA TRP B 47 8.77 -24.34 -7.17
C TRP B 47 9.40 -25.42 -8.04
N LEU B 48 9.62 -25.07 -9.30
CA LEU B 48 10.16 -25.97 -10.30
C LEU B 48 11.30 -25.30 -11.04
N ARG B 49 12.25 -26.13 -11.49
CA ARG B 49 13.32 -25.68 -12.38
C ARG B 49 12.91 -25.97 -13.82
N PHE B 50 12.98 -24.94 -14.67
CA PHE B 50 12.72 -25.08 -16.10
C PHE B 50 14.02 -24.86 -16.87
N TRP B 51 14.14 -25.55 -18.00
CA TRP B 51 15.25 -25.35 -18.93
C TRP B 51 14.73 -24.54 -20.11
N PHE B 52 14.90 -23.22 -20.03
CA PHE B 52 14.32 -22.33 -21.02
C PHE B 52 15.18 -22.26 -22.28
N PRO B 53 14.56 -22.11 -23.44
CA PRO B 53 15.32 -22.07 -24.70
C PRO B 53 15.99 -20.72 -24.91
N ASP B 54 17.01 -20.74 -25.75
CA ASP B 54 17.69 -19.51 -26.13
C ASP B 54 16.77 -18.69 -27.03
N PRO B 55 16.41 -17.45 -26.66
CA PRO B 55 15.61 -16.63 -27.58
C PRO B 55 16.28 -16.41 -28.91
N ASP B 56 17.61 -16.40 -28.95
CA ASP B 56 18.36 -16.15 -30.18
C ASP B 56 18.48 -17.37 -31.07
N GLY B 57 17.89 -18.51 -30.70
CA GLY B 57 17.74 -19.64 -31.59
C GLY B 57 18.77 -20.74 -31.46
N SER B 58 19.72 -20.64 -30.53
CA SER B 58 20.73 -21.67 -30.40
C SER B 58 20.20 -22.83 -29.54
N ASP B 59 21.04 -23.85 -29.37
CA ASP B 59 20.69 -25.01 -28.57
C ASP B 59 21.02 -24.83 -27.09
N THR B 60 21.60 -23.70 -26.71
CA THR B 60 21.90 -23.44 -25.31
C THR B 60 20.60 -23.22 -24.53
N GLU B 61 20.55 -23.75 -23.32
CA GLU B 61 19.37 -23.65 -22.47
C GLU B 61 19.72 -22.97 -21.16
N PHE B 62 18.72 -22.36 -20.54
CA PHE B 62 18.92 -21.53 -19.36
C PHE B 62 17.98 -21.97 -18.26
N GLN B 63 18.55 -22.46 -17.16
CA GLN B 63 17.75 -22.96 -16.05
C GLN B 63 17.28 -21.79 -15.18
N ARG B 64 15.97 -21.71 -14.96
CA ARG B 64 15.38 -20.71 -14.07
C ARG B 64 14.31 -21.37 -13.20
N ALA B 65 14.05 -20.76 -12.05
CA ALA B 65 13.11 -21.28 -11.07
C ALA B 65 11.81 -20.48 -11.10
N TYR B 66 10.68 -21.19 -11.00
CA TYR B 66 9.37 -20.54 -10.96
C TYR B 66 8.43 -21.30 -10.02
N THR B 67 7.60 -20.54 -9.32
CA THR B 67 6.72 -21.10 -8.30
C THR B 67 5.46 -21.69 -8.91
N ILE B 68 4.97 -22.78 -8.32
CA ILE B 68 3.75 -23.44 -8.78
C ILE B 68 2.54 -22.67 -8.26
N THR B 69 1.69 -22.20 -9.18
CA THR B 69 0.49 -21.47 -8.82
C THR B 69 -0.80 -22.24 -9.03
N GLU B 70 -0.80 -23.25 -9.91
CA GLU B 70 -1.92 -24.15 -10.07
C GLU B 70 -1.36 -25.56 -10.18
N SER B 71 -2.13 -26.54 -9.69
CA SER B 71 -1.66 -27.91 -9.76
C SER B 71 -2.84 -28.87 -9.66
N ASP B 72 -2.77 -29.95 -10.44
CA ASP B 72 -3.74 -31.03 -10.38
C ASP B 72 -2.95 -32.33 -10.55
N PRO B 73 -2.64 -33.02 -9.44
CA PRO B 73 -1.77 -34.21 -9.55
C PRO B 73 -2.38 -35.35 -10.34
N GLU B 74 -3.72 -35.42 -10.44
CA GLU B 74 -4.33 -36.51 -11.20
C GLU B 74 -4.07 -36.36 -12.70
N THR B 75 -3.99 -35.14 -13.19
CA THR B 75 -3.77 -34.88 -14.61
C THR B 75 -2.37 -34.38 -14.94
N GLY B 76 -1.60 -33.96 -13.95
CA GLY B 76 -0.32 -33.34 -14.23
C GLY B 76 -0.41 -31.93 -14.75
N ARG B 77 -1.59 -31.32 -14.73
CA ARG B 77 -1.74 -29.94 -15.15
C ARG B 77 -1.25 -29.01 -14.06
N PHE B 78 -0.55 -27.96 -14.45
CA PHE B 78 -0.02 -26.99 -13.48
C PHE B 78 0.25 -25.67 -14.19
N ALA B 79 0.57 -24.66 -13.38
CA ALA B 79 0.78 -23.32 -13.91
C ALA B 79 1.83 -22.61 -13.08
N VAL B 80 2.49 -21.65 -13.72
CA VAL B 80 3.46 -20.75 -13.08
C VAL B 80 3.15 -19.34 -13.53
N ASP B 81 3.39 -18.38 -12.63
CA ASP B 81 3.19 -16.97 -12.92
C ASP B 81 4.56 -16.32 -13.10
N MET B 82 4.72 -15.58 -14.21
CA MET B 82 6.03 -15.11 -14.64
C MET B 82 6.02 -13.61 -14.85
N VAL B 83 6.96 -12.92 -14.22
CA VAL B 83 7.09 -11.48 -14.37
C VAL B 83 7.78 -11.17 -15.69
N LEU B 84 7.18 -10.26 -16.46
CA LEU B 84 7.82 -9.69 -17.64
C LEU B 84 8.65 -8.51 -17.17
N HIS B 85 9.92 -8.76 -16.88
CA HIS B 85 10.79 -7.76 -16.28
C HIS B 85 11.65 -7.07 -17.33
N GLU B 86 12.21 -5.93 -16.95
CA GLU B 86 13.04 -5.11 -17.82
C GLU B 86 14.36 -4.85 -17.12
N PRO B 87 15.51 -5.21 -17.71
CA PRO B 87 15.66 -5.88 -19.00
C PRO B 87 15.14 -7.32 -18.96
N ALA B 88 14.95 -7.91 -20.12
CA ALA B 88 14.38 -9.25 -20.22
C ALA B 88 15.48 -10.31 -20.08
N GLY B 89 15.05 -11.54 -19.83
CA GLY B 89 15.93 -12.68 -19.83
C GLY B 89 15.31 -13.80 -20.63
N PRO B 90 16.00 -14.94 -20.73
CA PRO B 90 15.43 -16.06 -21.50
C PRO B 90 14.06 -16.50 -21.02
N ALA B 91 13.83 -16.51 -19.70
CA ALA B 91 12.56 -17.02 -19.19
C ALA B 91 11.42 -16.04 -19.42
N SER B 92 11.64 -14.75 -19.13
CA SER B 92 10.59 -13.77 -19.34
C SER B 92 10.33 -13.52 -20.81
N THR B 93 11.35 -13.63 -21.65
CA THR B 93 11.13 -13.63 -23.10
C THR B 93 10.26 -14.81 -23.50
N TRP B 94 10.56 -16.00 -22.96
CA TRP B 94 9.74 -17.17 -23.20
C TRP B 94 8.29 -16.92 -22.82
N ALA B 95 8.07 -16.42 -21.60
CA ALA B 95 6.71 -16.09 -21.16
C ALA B 95 6.01 -15.18 -22.16
N ARG B 96 6.74 -14.22 -22.72
CA ARG B 96 6.13 -13.25 -23.63
C ARG B 96 5.73 -13.90 -24.96
N THR B 97 6.55 -14.85 -25.44
CA THR B 97 6.41 -15.35 -26.80
C THR B 97 5.92 -16.78 -26.91
N VAL B 98 5.90 -17.54 -25.81
CA VAL B 98 5.55 -18.96 -25.91
C VAL B 98 4.08 -19.10 -26.26
N GLU B 99 3.76 -20.10 -27.08
CA GLU B 99 2.40 -20.42 -27.47
C GLU B 99 2.07 -21.84 -27.04
N PRO B 100 0.79 -22.14 -26.76
CA PRO B 100 0.41 -23.52 -26.44
C PRO B 100 0.90 -24.47 -27.53
N GLY B 101 1.37 -25.64 -27.09
CA GLY B 101 2.00 -26.60 -27.97
C GLY B 101 3.51 -26.67 -27.83
N ALA B 102 4.13 -25.64 -27.27
CA ALA B 102 5.56 -25.70 -26.97
C ALA B 102 5.82 -26.68 -25.84
N THR B 103 7.03 -27.21 -25.81
CA THR B 103 7.45 -28.15 -24.79
C THR B 103 8.67 -27.61 -24.04
N ILE B 104 8.85 -28.07 -22.80
CA ILE B 104 9.96 -27.61 -21.97
C ILE B 104 10.18 -28.63 -20.87
N ALA B 105 11.45 -28.85 -20.53
CA ALA B 105 11.81 -29.77 -19.47
C ALA B 105 11.71 -29.10 -18.11
N VAL B 106 11.11 -29.81 -17.15
CA VAL B 106 10.87 -29.30 -15.82
C VAL B 106 11.40 -30.31 -14.80
N MET B 107 11.80 -29.80 -13.63
CA MET B 107 12.32 -30.66 -12.59
C MET B 107 11.97 -30.08 -11.23
N SER B 108 11.65 -30.96 -10.28
CA SER B 108 11.41 -30.59 -8.89
C SER B 108 12.59 -31.09 -8.06
N MET B 109 13.47 -30.16 -7.66
CA MET B 109 14.63 -30.51 -6.85
C MET B 109 15.18 -29.23 -6.25
N GLY B 110 15.29 -29.18 -4.92
CA GLY B 110 15.74 -28.00 -4.22
C GLY B 110 14.65 -27.22 -3.52
N SER B 111 13.41 -27.71 -3.57
CA SER B 111 12.25 -26.96 -3.07
C SER B 111 11.82 -27.51 -1.73
N ARG B 112 11.97 -26.70 -0.68
CA ARG B 112 11.44 -27.01 0.64
C ARG B 112 10.14 -26.24 0.84
N GLY B 113 9.12 -26.92 1.36
CA GLY B 113 7.81 -26.30 1.49
C GLY B 113 7.68 -25.42 2.73
N PHE B 114 6.61 -24.64 2.72
CA PHE B 114 6.22 -23.82 3.86
C PHE B 114 5.05 -24.50 4.58
N SER B 115 5.07 -24.44 5.91
CA SER B 115 4.01 -25.07 6.69
C SER B 115 3.82 -24.33 8.01
N VAL B 116 2.58 -24.21 8.44
CA VAL B 116 2.24 -23.64 9.74
C VAL B 116 2.26 -24.77 10.76
N PRO B 117 2.88 -24.57 11.93
CA PRO B 117 2.95 -25.66 12.92
C PRO B 117 1.58 -26.19 13.31
N GLU B 118 1.56 -27.47 13.69
CA GLU B 118 0.32 -28.14 14.05
C GLU B 118 -0.29 -27.53 15.30
N ASP B 119 0.46 -27.52 16.39
CA ASP B 119 -0.01 -26.96 17.65
C ASP B 119 -0.16 -25.45 17.51
N PRO B 120 -1.33 -24.88 17.80
CA PRO B 120 -1.46 -23.42 17.73
C PRO B 120 -0.50 -22.68 18.63
N GLU B 121 -0.13 -23.26 19.77
CA GLU B 121 0.82 -22.63 20.69
C GLU B 121 2.27 -22.84 20.26
N ASP B 122 2.51 -23.54 19.15
CA ASP B 122 3.82 -23.57 18.53
C ASP B 122 3.91 -22.63 17.33
N ARG B 123 2.81 -21.97 16.97
CA ARG B 123 2.77 -21.11 15.80
C ARG B 123 3.36 -19.74 16.12
N PRO B 124 3.91 -19.06 15.12
CA PRO B 124 4.38 -17.69 15.34
C PRO B 124 3.23 -16.77 15.70
N VAL B 125 3.56 -15.68 16.40
CA VAL B 125 2.55 -14.67 16.72
C VAL B 125 2.30 -13.72 15.56
N GLY B 126 2.96 -13.94 14.43
CA GLY B 126 2.78 -13.12 13.24
C GLY B 126 3.79 -13.51 12.19
N TYR B 127 3.49 -13.24 10.92
CA TYR B 127 4.40 -13.54 9.83
C TYR B 127 4.83 -12.24 9.17
N LEU B 128 6.14 -12.08 9.01
CA LEU B 128 6.73 -10.97 8.28
C LEU B 128 7.18 -11.48 6.92
N LEU B 129 6.46 -11.09 5.88
CA LEU B 129 6.73 -11.53 4.52
C LEU B 129 7.35 -10.40 3.73
N ILE B 130 8.49 -10.67 3.09
CA ILE B 130 9.28 -9.67 2.39
C ILE B 130 9.63 -10.20 1.01
N GLY B 131 9.28 -9.45 -0.03
CA GLY B 131 9.63 -9.83 -1.38
C GLY B 131 9.28 -8.79 -2.42
N ASP B 132 8.98 -9.23 -3.63
CA ASP B 132 8.53 -8.32 -4.69
C ASP B 132 7.67 -9.13 -5.66
N SER B 133 7.58 -8.66 -6.90
CA SER B 133 6.71 -9.31 -7.87
C SER B 133 7.13 -10.75 -8.14
N ALA B 134 8.45 -11.02 -8.12
CA ALA B 134 8.93 -12.36 -8.46
C ALA B 134 8.58 -13.38 -7.38
N SER B 135 8.48 -12.95 -6.13
CA SER B 135 8.11 -13.84 -5.03
C SER B 135 6.66 -13.70 -4.63
N THR B 136 5.86 -12.93 -5.36
CA THR B 136 4.44 -12.84 -5.04
C THR B 136 3.71 -14.17 -5.17
N PRO B 137 3.93 -15.00 -6.19
CA PRO B 137 3.33 -16.34 -6.17
C PRO B 137 3.63 -17.12 -4.90
N ALA B 138 4.89 -17.13 -4.47
CA ALA B 138 5.26 -17.81 -3.23
C ALA B 138 4.57 -17.20 -2.03
N ILE B 139 4.63 -15.86 -1.92
CA ILE B 139 4.01 -15.16 -0.80
C ILE B 139 2.49 -15.36 -0.80
N ASN B 140 1.88 -15.38 -1.99
CA ASN B 140 0.44 -15.63 -2.06
C ASN B 140 0.11 -17.02 -1.51
N GLY B 141 0.91 -18.02 -1.88
CA GLY B 141 0.69 -19.35 -1.33
C GLY B 141 0.82 -19.41 0.18
N ILE B 142 1.71 -18.59 0.75
CA ILE B 142 1.86 -18.54 2.20
C ILE B 142 0.63 -17.91 2.84
N ILE B 143 0.18 -16.77 2.29
CA ILE B 143 -0.97 -16.06 2.86
C ILE B 143 -2.20 -16.95 2.87
N GLU B 144 -2.37 -17.78 1.84
CA GLU B 144 -3.57 -18.61 1.74
C GLU B 144 -3.66 -19.66 2.85
N VAL B 145 -2.56 -19.99 3.53
CA VAL B 145 -2.58 -21.03 4.56
C VAL B 145 -2.33 -20.46 5.96
N VAL B 146 -2.06 -19.17 6.09
CA VAL B 146 -1.87 -18.60 7.43
C VAL B 146 -3.22 -18.50 8.12
N PRO B 147 -3.37 -19.03 9.34
CA PRO B 147 -4.67 -18.97 10.02
C PRO B 147 -5.15 -17.53 10.18
N HIS B 148 -6.47 -17.36 10.22
CA HIS B 148 -7.06 -16.03 10.17
C HIS B 148 -6.78 -15.21 11.43
N ASP B 149 -6.37 -15.83 12.53
CA ASP B 149 -6.10 -15.11 13.76
C ASP B 149 -4.63 -14.73 13.92
N ILE B 150 -3.81 -14.88 12.89
CA ILE B 150 -2.40 -14.55 12.94
C ILE B 150 -2.15 -13.40 11.97
N PRO B 151 -1.58 -12.28 12.42
CA PRO B 151 -1.38 -11.14 11.53
C PRO B 151 -0.19 -11.33 10.60
N ILE B 152 -0.26 -10.65 9.46
CA ILE B 152 0.74 -10.76 8.41
C ILE B 152 1.19 -9.36 8.01
N GLU B 153 2.50 -9.11 8.09
CA GLU B 153 3.09 -7.84 7.68
C GLU B 153 3.83 -8.09 6.37
N LEU B 154 3.25 -7.63 5.26
CA LEU B 154 3.79 -7.89 3.93
C LEU B 154 4.49 -6.65 3.41
N TYR B 155 5.75 -6.82 2.99
CA TYR B 155 6.55 -5.76 2.38
C TYR B 155 6.92 -6.18 0.97
N LEU B 156 6.48 -5.40 -0.02
CA LEU B 156 6.73 -5.69 -1.42
C LEU B 156 7.53 -4.54 -2.02
N GLU B 157 8.77 -4.82 -2.41
CA GLU B 157 9.57 -3.83 -3.12
C GLU B 157 8.99 -3.61 -4.51
N GLN B 158 8.62 -2.36 -4.80
CA GLN B 158 7.96 -2.01 -6.04
C GLN B 158 8.97 -1.59 -7.09
N HIS B 159 8.80 -2.09 -8.31
CA HIS B 159 9.65 -1.72 -9.43
C HIS B 159 8.91 -1.03 -10.55
N HIS B 160 7.60 -1.24 -10.68
CA HIS B 160 6.80 -0.60 -11.71
C HIS B 160 5.42 -0.28 -11.15
N ASP B 161 4.76 0.70 -11.76
CA ASP B 161 3.41 1.03 -11.35
C ASP B 161 2.45 -0.14 -11.56
N ASP B 162 2.69 -0.95 -12.58
CA ASP B 162 1.87 -2.13 -12.84
C ASP B 162 1.97 -3.16 -11.72
N ASP B 163 2.95 -3.04 -10.82
CA ASP B 163 3.09 -4.02 -9.75
C ASP B 163 1.87 -4.07 -8.85
N VAL B 164 1.20 -2.93 -8.64
CA VAL B 164 0.04 -2.92 -7.78
C VAL B 164 -1.12 -3.70 -8.38
N LEU B 165 -1.07 -3.98 -9.69
CA LEU B 165 -2.11 -4.74 -10.37
C LEU B 165 -1.94 -6.25 -10.22
N ILE B 166 -0.78 -6.71 -9.78
CA ILE B 166 -0.56 -8.13 -9.53
C ILE B 166 -1.40 -8.54 -8.32
N PRO B 167 -2.34 -9.47 -8.48
CA PRO B 167 -3.26 -9.78 -7.38
C PRO B 167 -2.54 -10.41 -6.20
N LEU B 168 -2.95 -10.00 -5.00
CA LEU B 168 -2.46 -10.57 -3.76
C LEU B 168 -3.54 -11.46 -3.14
N ALA B 169 -3.10 -12.49 -2.44
CA ALA B 169 -4.02 -13.34 -1.70
C ALA B 169 -4.72 -12.53 -0.61
N GLU B 170 -5.95 -12.91 -0.30
CA GLU B 170 -6.74 -12.21 0.70
C GLU B 170 -6.57 -12.87 2.07
N HIS B 171 -6.55 -12.05 3.11
CA HIS B 171 -6.39 -12.52 4.48
C HIS B 171 -6.94 -11.44 5.42
N PRO B 172 -7.72 -11.82 6.44
CA PRO B 172 -8.37 -10.81 7.27
C PRO B 172 -7.42 -9.97 8.10
N ARG B 173 -6.17 -10.38 8.27
CA ARG B 173 -5.20 -9.67 9.10
C ARG B 173 -3.92 -9.36 8.34
N LEU B 174 -4.06 -9.14 7.03
CA LEU B 174 -2.92 -8.82 6.17
C LEU B 174 -2.78 -7.30 6.08
N ARG B 175 -1.57 -6.81 6.35
CA ARG B 175 -1.24 -5.40 6.20
C ARG B 175 -0.12 -5.28 5.18
N VAL B 176 -0.39 -4.60 4.07
CA VAL B 176 0.51 -4.54 2.93
C VAL B 176 1.29 -3.24 2.96
N HIS B 177 2.57 -3.31 2.62
CA HIS B 177 3.45 -2.16 2.55
C HIS B 177 4.26 -2.24 1.27
N ARG B 178 4.22 -1.19 0.46
CA ARG B 178 4.96 -1.15 -0.79
C ARG B 178 6.15 -0.21 -0.68
N VAL B 179 7.31 -0.68 -1.14
CA VAL B 179 8.59 -0.02 -0.91
C VAL B 179 9.13 0.44 -2.26
N SER B 180 9.41 1.73 -2.37
CA SER B 180 10.10 2.25 -3.56
C SER B 180 11.58 1.95 -3.42
N ARG B 181 12.18 1.39 -4.47
CA ARG B 181 13.58 0.98 -4.44
C ARG B 181 14.45 2.09 -4.99
N ASP B 182 15.16 2.78 -4.11
CA ASP B 182 16.20 3.72 -4.54
C ASP B 182 17.54 3.02 -4.69
N ASP B 183 17.82 2.05 -3.82
CA ASP B 183 19.05 1.26 -3.90
C ASP B 183 18.84 -0.02 -3.10
N ALA B 184 19.91 -0.79 -2.90
CA ALA B 184 19.81 -2.06 -2.20
C ALA B 184 19.48 -1.90 -0.71
N SER B 185 19.53 -0.69 -0.18
CA SER B 185 19.24 -0.46 1.24
C SER B 185 17.78 -0.10 1.49
N SER B 186 17.00 0.15 0.43
CA SER B 186 15.65 0.67 0.59
C SER B 186 14.73 -0.33 1.30
N LEU B 187 14.80 -1.60 0.91
CA LEU B 187 13.87 -2.59 1.46
C LEU B 187 14.10 -2.81 2.95
N ALA B 188 15.35 -2.92 3.38
CA ALA B 188 15.63 -3.11 4.80
C ALA B 188 15.22 -1.88 5.61
N ALA B 189 15.43 -0.69 5.07
CA ALA B 189 15.09 0.53 5.79
C ALA B 189 13.58 0.70 5.93
N ALA B 190 12.81 0.19 4.97
CA ALA B 190 11.36 0.34 5.03
C ALA B 190 10.73 -0.52 6.13
N LEU B 191 11.42 -1.56 6.57
CA LEU B 191 10.86 -2.44 7.59
C LEU B 191 10.60 -1.66 8.88
N GLU B 192 9.39 -1.82 9.41
CA GLU B 192 9.02 -1.14 10.64
C GLU B 192 9.86 -1.61 11.80
N LEU B 193 10.34 -0.66 12.61
CA LEU B 193 11.02 -0.96 13.86
C LEU B 193 9.96 -1.12 14.93
N ARG B 194 9.64 -2.38 15.26
CA ARG B 194 8.66 -2.69 16.29
C ARG B 194 9.16 -3.91 17.05
N ASP B 195 8.30 -4.43 17.92
CA ASP B 195 8.60 -5.65 18.64
C ASP B 195 8.32 -6.83 17.71
N TRP B 196 9.37 -7.53 17.29
CA TRP B 196 9.25 -8.68 16.41
C TRP B 196 9.36 -10.00 17.15
N SER B 197 9.14 -9.99 18.47
CA SER B 197 9.29 -11.21 19.27
C SER B 197 8.32 -12.28 18.81
N ASN B 198 8.84 -13.50 18.63
CA ASN B 198 8.08 -14.69 18.24
C ASN B 198 7.49 -14.60 16.84
N TRP B 199 7.88 -13.60 16.05
CA TRP B 199 7.47 -13.55 14.65
C TRP B 199 8.34 -14.47 13.81
N TYR B 200 7.80 -14.88 12.66
CA TYR B 200 8.53 -15.65 11.66
C TYR B 200 8.63 -14.83 10.39
N CYS B 201 9.81 -14.85 9.77
CA CYS B 201 10.07 -14.06 8.58
C CYS B 201 10.38 -14.97 7.40
N TRP B 202 9.62 -14.80 6.32
CA TRP B 202 9.92 -15.40 5.03
C TRP B 202 10.29 -14.27 4.07
N ALA B 203 11.47 -14.37 3.47
CA ALA B 203 11.99 -13.31 2.61
C ALA B 203 12.48 -13.91 1.31
N GLY B 204 11.94 -13.42 0.19
CA GLY B 204 12.43 -13.79 -1.12
C GLY B 204 12.60 -12.60 -2.04
N PRO B 205 13.50 -11.67 -1.69
CA PRO B 205 13.65 -10.47 -2.50
C PRO B 205 14.87 -10.52 -3.42
N GLU B 206 15.17 -9.41 -4.07
CA GLU B 206 16.38 -9.30 -4.87
C GLU B 206 17.62 -9.51 -4.01
N ALA B 207 18.66 -10.07 -4.63
CA ALA B 207 19.83 -10.54 -3.88
C ALA B 207 20.51 -9.40 -3.12
N GLY B 208 20.73 -8.27 -3.78
CA GLY B 208 21.39 -7.16 -3.11
C GLY B 208 20.57 -6.59 -1.98
N ALA B 209 19.24 -6.55 -2.14
CA ALA B 209 18.38 -6.10 -1.07
C ALA B 209 18.27 -7.14 0.04
N LEU B 210 18.35 -8.42 -0.30
CA LEU B 210 18.26 -9.46 0.73
C LEU B 210 19.44 -9.39 1.70
N LYS B 211 20.63 -9.07 1.20
CA LYS B 211 21.80 -8.96 2.06
C LYS B 211 21.56 -8.01 3.22
N GLN B 212 21.11 -6.79 2.91
CA GLN B 212 20.87 -5.80 3.94
C GLN B 212 19.60 -6.08 4.74
N VAL B 213 18.67 -6.85 4.18
CA VAL B 213 17.50 -7.28 4.94
C VAL B 213 17.88 -8.29 6.01
N ARG B 214 18.66 -9.31 5.62
CA ARG B 214 19.09 -10.31 6.59
C ARG B 214 19.90 -9.69 7.72
N THR B 215 20.77 -8.73 7.38
CA THR B 215 21.58 -8.07 8.42
C THR B 215 20.68 -7.34 9.42
N ARG B 216 19.62 -6.70 8.93
CA ARG B 216 18.71 -6.00 9.84
C ARG B 216 17.90 -6.98 10.68
N LEU B 217 17.43 -8.08 10.07
CA LEU B 217 16.65 -9.06 10.81
C LEU B 217 17.45 -9.67 11.96
N ARG B 218 18.73 -9.95 11.72
CA ARG B 218 19.53 -10.65 12.72
C ARG B 218 20.05 -9.70 13.80
N ASP B 219 20.64 -8.57 13.38
CA ASP B 219 21.31 -7.70 14.33
C ASP B 219 20.33 -6.76 15.04
N GLU B 220 19.55 -6.00 14.29
CA GLU B 220 18.69 -4.99 14.90
C GLU B 220 17.38 -5.57 15.40
N PHE B 221 16.75 -6.44 14.62
CA PHE B 221 15.46 -7.01 15.00
C PHE B 221 15.59 -8.24 15.90
N GLY B 222 16.77 -8.83 16.00
CA GLY B 222 16.96 -9.95 16.91
C GLY B 222 16.27 -11.23 16.48
N PHE B 223 16.01 -11.40 15.19
CA PHE B 223 15.39 -12.63 14.70
C PHE B 223 16.34 -13.81 14.88
N PRO B 224 15.88 -14.92 15.45
CA PRO B 224 16.69 -16.14 15.45
C PRO B 224 16.79 -16.71 14.04
N LYS B 225 17.81 -17.56 13.85
CA LYS B 225 17.98 -18.19 12.54
C LYS B 225 16.82 -19.13 12.23
N ARG B 226 16.31 -19.85 13.23
CA ARG B 226 15.26 -20.82 12.99
C ARG B 226 13.92 -20.18 12.65
N GLU B 227 13.77 -18.87 12.88
CA GLU B 227 12.53 -18.17 12.58
C GLU B 227 12.66 -17.27 11.34
N VAL B 228 13.69 -17.48 10.53
CA VAL B 228 13.88 -16.74 9.28
C VAL B 228 14.17 -17.74 8.16
N TYR B 229 13.47 -17.59 7.04
CA TYR B 229 13.88 -18.22 5.79
C TYR B 229 14.07 -17.13 4.76
N ALA B 230 15.28 -17.04 4.19
CA ALA B 230 15.62 -15.98 3.26
C ALA B 230 16.37 -16.58 2.09
N GLN B 231 15.87 -16.34 0.88
CA GLN B 231 16.48 -16.84 -0.34
C GLN B 231 16.38 -15.76 -1.40
N ALA B 232 17.49 -15.47 -2.06
CA ALA B 232 17.48 -14.50 -3.16
C ALA B 232 16.76 -15.10 -4.36
N TYR B 233 15.71 -14.43 -4.83
CA TYR B 233 14.95 -14.91 -5.97
C TYR B 233 15.51 -14.40 -7.30
N TRP B 234 16.21 -13.28 -7.30
CA TRP B 234 16.87 -12.78 -8.50
C TRP B 234 17.95 -11.81 -8.08
N THR B 235 18.80 -11.44 -9.05
CA THR B 235 19.92 -10.54 -8.81
C THR B 235 19.91 -9.43 -9.84
N GLU B 236 20.05 -8.19 -9.37
CA GLU B 236 20.04 -7.03 -10.25
C GLU B 236 21.24 -7.05 -11.19
N GLY B 237 20.99 -6.90 -12.48
CA GLY B 237 22.06 -6.83 -13.46
C GLY B 237 22.75 -8.13 -13.76
N ARG B 238 22.27 -9.25 -13.23
CA ARG B 238 22.90 -10.55 -13.43
C ARG B 238 21.82 -11.62 -13.59
N ALA B 239 22.22 -12.74 -14.19
CA ALA B 239 21.32 -13.87 -14.37
C ALA B 239 21.35 -14.78 -13.15
#